data_4LDN
#
_entry.id   4LDN
#
_cell.length_a   163.115
_cell.length_b   163.115
_cell.length_c   45.339
_cell.angle_alpha   90.000
_cell.angle_beta   90.000
_cell.angle_gamma   120.000
#
_symmetry.space_group_name_H-M   'H 3 2'
#
loop_
_entity.id
_entity.type
_entity.pdbx_description
1 polymer 'Purine nucleoside phosphorylase DeoD-type'
2 non-polymer 'PHOSPHATE ION'
3 non-polymer 1,2-ETHANEDIOL
4 water water
#
_entity_poly.entity_id   1
_entity_poly.type   'polypeptide(L)'
_entity_poly.pdbx_seq_one_letter_code
;(MSE)HHHHHHSSGVDLGTENLYFQS(MSE)STPHINAPLDAFADTIL(MSE)PGDPLRAKLIAETYLENVVQVTDVRG
(MSE)LGFTGEFKGRKISV(MSE)GHG(MSE)GAPSASIYFHEL(MSE)TTYKVKNFIRIGSCGAIHDDVKLKDLIVAIG
ASTDSK(MSE)NRIRFKDNDFAATANYN(MSE)LSECVNTLKTTDINYLVGNVFSSDLFYRPDEEQYD(MSE)(MSE)AR
YGILGVE(MSE)EVNALYSAAAENHCNAVALCTVTDHIKNHEHLTADERRTELHE(MSE)INVALDVALKLPTE
;
_entity_poly.pdbx_strand_id   A
#
# COMPACT_ATOMS: atom_id res chain seq x y z
N ASN A 17 1.52 -25.45 25.18
CA ASN A 17 0.89 -24.88 23.96
C ASN A 17 1.87 -24.80 22.78
N LEU A 18 2.48 -25.94 22.44
CA LEU A 18 3.51 -25.99 21.39
C LEU A 18 2.96 -25.67 19.98
N TYR A 19 1.78 -26.19 19.68
CA TYR A 19 1.10 -25.93 18.41
C TYR A 19 0.93 -24.44 18.14
N PHE A 20 0.63 -23.69 19.19
CA PHE A 20 0.49 -22.23 19.05
C PHE A 20 1.84 -21.52 19.15
N GLN A 21 2.70 -22.00 20.06
CA GLN A 21 4.07 -21.47 20.16
C GLN A 21 4.79 -21.51 18.79
N SER A 22 4.55 -22.56 18.01
CA SER A 22 5.22 -22.76 16.73
C SER A 22 4.35 -22.38 15.52
N SER A 24 2.62 -20.64 12.43
CA SER A 24 2.97 -19.67 11.38
C SER A 24 2.03 -19.91 10.22
N THR A 25 2.31 -19.31 9.07
CA THR A 25 1.44 -19.51 7.90
C THR A 25 2.27 -20.03 6.72
N PRO A 26 1.62 -20.50 5.66
CA PRO A 26 2.45 -21.07 4.60
C PRO A 26 3.36 -20.04 3.88
N HIS A 27 3.06 -18.76 4.03
CA HIS A 27 3.81 -17.74 3.30
C HIS A 27 4.52 -16.75 4.23
N ILE A 28 4.41 -16.97 5.52
CA ILE A 28 5.06 -16.10 6.52
C ILE A 28 5.62 -17.00 7.62
N ASN A 29 6.90 -16.83 7.94
CA ASN A 29 7.56 -17.68 8.93
C ASN A 29 7.89 -16.97 10.24
N ALA A 30 7.06 -16.00 10.60
CA ALA A 30 7.23 -15.24 11.82
C ALA A 30 6.49 -15.94 12.98
N PRO A 31 7.02 -15.83 14.20
CA PRO A 31 6.20 -16.22 15.34
C PRO A 31 4.97 -15.31 15.47
N LEU A 32 3.94 -15.77 16.20
CA LEU A 32 2.61 -15.12 16.16
C LEU A 32 2.60 -13.70 16.71
N ASP A 33 3.58 -13.40 17.54
CA ASP A 33 3.64 -12.13 18.25
C ASP A 33 4.54 -11.12 17.52
N ALA A 34 5.00 -11.45 16.33
CA ALA A 34 6.12 -10.72 15.75
C ALA A 34 5.79 -9.37 15.08
N PHE A 35 4.53 -9.15 14.74
CA PHE A 35 4.15 -7.95 14.03
C PHE A 35 3.53 -6.90 14.96
N ALA A 36 3.69 -5.67 14.55
CA ALA A 36 3.01 -4.55 15.16
C ALA A 36 1.52 -4.52 14.78
N ASP A 37 0.77 -3.62 15.41
CA ASP A 37 -0.64 -3.42 15.09
C ASP A 37 -0.81 -2.76 13.74
N THR A 38 0.24 -2.05 13.31
CA THR A 38 0.25 -1.25 12.09
C THR A 38 1.42 -1.62 11.17
N ILE A 39 1.10 -1.83 9.90
CA ILE A 39 2.08 -2.28 8.93
C ILE A 39 2.05 -1.40 7.68
N LEU A 40 3.25 -1.06 7.19
CA LEU A 40 3.43 -0.37 5.90
C LEU A 40 3.82 -1.43 4.90
N PRO A 42 4.88 -1.97 0.82
CA PRO A 42 5.10 -1.76 -0.61
C PRO A 42 5.01 -3.11 -1.32
N GLY A 43 4.99 -3.11 -2.64
CA GLY A 43 5.04 -4.36 -3.40
C GLY A 43 6.36 -5.09 -3.26
N ASP A 44 7.43 -4.29 -3.19
CA ASP A 44 8.78 -4.78 -3.35
C ASP A 44 9.37 -5.09 -2.00
N PRO A 45 9.74 -6.37 -1.73
CA PRO A 45 10.29 -6.69 -0.42
C PRO A 45 11.65 -5.99 -0.14
N LEU A 46 12.37 -5.65 -1.21
CA LEU A 46 13.66 -4.96 -1.02
C LEU A 46 13.40 -3.52 -0.60
N ARG A 47 12.30 -2.93 -1.08
CA ARG A 47 11.87 -1.61 -0.60
CA ARG A 47 11.89 -1.59 -0.61
C ARG A 47 11.45 -1.68 0.86
N ALA A 48 10.75 -2.74 1.26
CA ALA A 48 10.42 -2.93 2.67
C ALA A 48 11.66 -2.96 3.54
N LYS A 49 12.68 -3.70 3.08
CA LYS A 49 13.96 -3.72 3.78
CA LYS A 49 13.98 -3.72 3.73
C LYS A 49 14.61 -2.33 3.84
N LEU A 50 14.66 -1.62 2.72
CA LEU A 50 15.23 -0.28 2.72
CA LEU A 50 15.22 -0.27 2.72
C LEU A 50 14.50 0.62 3.72
N ILE A 51 13.19 0.53 3.74
CA ILE A 51 12.39 1.36 4.65
C ILE A 51 12.68 1.02 6.10
N ALA A 52 12.60 -0.26 6.44
CA ALA A 52 12.83 -0.66 7.80
C ALA A 52 14.22 -0.21 8.28
N GLU A 53 15.24 -0.45 7.45
CA GLU A 53 16.63 -0.16 7.82
C GLU A 53 16.92 1.34 7.89
N THR A 54 16.17 2.11 7.12
CA THR A 54 16.40 3.55 7.08
C THR A 54 15.67 4.23 8.23
N TYR A 55 14.39 3.88 8.42
CA TYR A 55 13.53 4.65 9.34
C TYR A 55 13.28 4.06 10.73
N LEU A 56 13.46 2.76 10.90
CA LEU A 56 13.03 2.13 12.15
C LEU A 56 14.22 1.88 13.07
N GLU A 57 13.95 1.81 14.36
CA GLU A 57 14.98 1.52 15.35
C GLU A 57 14.72 0.12 15.89
N ASN A 58 15.80 -0.56 16.27
CA ASN A 58 15.68 -1.86 16.93
CA ASN A 58 15.73 -1.88 16.87
C ASN A 58 14.99 -2.86 15.96
N VAL A 59 15.38 -2.82 14.70
CA VAL A 59 14.71 -3.61 13.65
C VAL A 59 15.04 -5.10 13.76
N VAL A 60 14.01 -5.95 13.60
CA VAL A 60 14.15 -7.40 13.47
C VAL A 60 13.51 -7.79 12.13
N GLN A 61 14.19 -8.61 11.33
CA GLN A 61 13.57 -9.25 10.16
C GLN A 61 12.77 -10.44 10.68
N VAL A 62 11.46 -10.42 10.48
CA VAL A 62 10.58 -11.40 11.16
C VAL A 62 10.12 -12.50 10.19
N THR A 63 10.26 -12.26 8.88
CA THR A 63 9.81 -13.26 7.90
C THR A 63 10.58 -13.12 6.61
N ASP A 64 10.80 -14.23 5.90
CA ASP A 64 11.53 -14.20 4.62
C ASP A 64 11.14 -15.33 3.65
N VAL A 65 9.97 -15.91 3.86
CA VAL A 65 9.50 -17.00 3.00
C VAL A 65 9.36 -16.46 1.58
N ARG A 66 9.86 -17.22 0.61
CA ARG A 66 9.84 -16.79 -0.80
C ARG A 66 10.52 -15.47 -1.06
N GLY A 67 11.38 -15.04 -0.14
CA GLY A 67 12.03 -13.74 -0.29
C GLY A 67 11.12 -12.58 0.04
N LEU A 69 10.21 -10.38 2.33
CA LEU A 69 10.78 -9.88 3.58
C LEU A 69 9.83 -9.04 4.37
N GLY A 70 9.75 -9.30 5.68
CA GLY A 70 9.01 -8.43 6.59
C GLY A 70 9.84 -8.15 7.83
N PHE A 71 9.54 -7.01 8.44
CA PHE A 71 10.32 -6.42 9.53
C PHE A 71 9.41 -5.79 10.57
N THR A 72 9.92 -5.73 11.80
CA THR A 72 9.25 -5.02 12.87
C THR A 72 10.32 -4.22 13.61
N GLY A 73 10.00 -2.97 13.88
CA GLY A 73 10.90 -2.08 14.62
C GLY A 73 10.08 -1.01 15.32
N GLU A 74 10.74 0.06 15.73
CA GLU A 74 10.07 1.15 16.43
C GLU A 74 10.32 2.45 15.73
N PHE A 75 9.31 3.33 15.75
CA PHE A 75 9.48 4.70 15.28
C PHE A 75 8.89 5.62 16.35
N LYS A 76 9.70 6.53 16.88
CA LYS A 76 9.26 7.47 17.91
CA LYS A 76 9.23 7.49 17.89
C LYS A 76 8.46 6.76 19.00
N GLY A 77 9.00 5.62 19.44
CA GLY A 77 8.42 4.87 20.56
C GLY A 77 7.24 3.97 20.25
N ARG A 78 6.83 3.91 18.99
CA ARG A 78 5.72 3.04 18.59
C ARG A 78 6.24 1.87 17.75
N LYS A 79 5.73 0.69 18.01
CA LYS A 79 6.05 -0.48 17.17
C LYS A 79 5.40 -0.32 15.78
N ILE A 80 6.20 -0.57 14.75
CA ILE A 80 5.77 -0.47 13.35
C ILE A 80 6.31 -1.68 12.61
N SER A 81 5.52 -2.27 11.71
CA SER A 81 6.04 -3.29 10.81
C SER A 81 6.08 -2.76 9.36
N VAL A 82 6.90 -3.42 8.55
CA VAL A 82 7.04 -3.10 7.13
CA VAL A 82 6.99 -3.11 7.14
C VAL A 82 7.26 -4.41 6.40
N GLY A 84 6.82 -6.53 2.29
CA GLY A 84 6.37 -6.60 0.89
C GLY A 84 5.13 -7.45 0.67
N HIS A 85 4.29 -7.11 -0.31
CA HIS A 85 3.08 -7.90 -0.62
C HIS A 85 3.14 -8.57 -2.00
N GLY A 86 4.17 -8.26 -2.78
CA GLY A 86 4.30 -8.81 -4.13
C GLY A 86 3.37 -8.12 -5.12
N GLY A 88 0.26 -7.84 -7.67
CA GLY A 88 -1.03 -8.24 -8.15
C GLY A 88 -1.92 -8.70 -7.04
N ALA A 89 -3.22 -8.61 -7.32
CA ALA A 89 -4.21 -8.95 -6.33
C ALA A 89 -4.06 -10.32 -5.72
N PRO A 90 -3.80 -11.36 -6.54
CA PRO A 90 -3.76 -12.70 -5.90
C PRO A 90 -2.58 -12.82 -4.94
N SER A 91 -1.41 -12.32 -5.26
CA SER A 91 -0.23 -12.34 -4.35
C SER A 91 -0.52 -11.50 -3.13
N ALA A 92 -0.96 -10.27 -3.34
CA ALA A 92 -1.17 -9.34 -2.22
C ALA A 92 -2.22 -9.90 -1.26
N SER A 93 -3.33 -10.41 -1.83
CA SER A 93 -4.40 -10.94 -1.00
C SER A 93 -3.97 -12.04 -0.06
N ILE A 94 -3.02 -12.87 -0.49
CA ILE A 94 -2.53 -13.94 0.38
C ILE A 94 -1.88 -13.32 1.62
N TYR A 95 -0.99 -12.39 1.44
CA TYR A 95 -0.32 -11.78 2.61
C TYR A 95 -1.28 -10.99 3.47
N PHE A 96 -2.22 -10.27 2.86
CA PHE A 96 -3.22 -9.51 3.62
C PHE A 96 -4.02 -10.49 4.47
N HIS A 97 -4.48 -11.57 3.84
CA HIS A 97 -5.30 -12.56 4.61
C HIS A 97 -4.55 -13.08 5.84
N GLU A 98 -3.31 -13.50 5.62
CA GLU A 98 -2.51 -14.11 6.68
C GLU A 98 -2.18 -13.10 7.78
N LEU A 99 -1.88 -11.86 7.42
CA LEU A 99 -1.60 -10.81 8.40
C LEU A 99 -2.83 -10.41 9.22
N THR A 101 -5.51 -12.18 9.83
CA THR A 101 -6.10 -13.27 10.61
C THR A 101 -5.07 -13.76 11.63
N THR A 102 -4.21 -14.68 11.22
CA THR A 102 -3.19 -15.32 12.04
C THR A 102 -2.38 -14.34 12.86
N TYR A 103 -1.89 -13.27 12.23
CA TYR A 103 -0.99 -12.35 12.92
C TYR A 103 -1.66 -11.13 13.55
N LYS A 104 -2.96 -11.00 13.36
CA LYS A 104 -3.80 -10.01 14.06
C LYS A 104 -3.35 -8.58 13.87
N VAL A 105 -2.82 -8.27 12.70
CA VAL A 105 -2.49 -6.90 12.36
C VAL A 105 -3.78 -6.14 12.04
N LYS A 106 -3.87 -4.92 12.53
CA LYS A 106 -5.11 -4.16 12.43
C LYS A 106 -5.09 -3.10 11.35
N ASN A 107 -3.98 -2.37 11.24
CA ASN A 107 -3.92 -1.20 10.40
C ASN A 107 -2.90 -1.39 9.31
N PHE A 108 -3.28 -1.04 8.09
CA PHE A 108 -2.48 -1.30 6.90
C PHE A 108 -2.36 -0.04 6.07
N ILE A 109 -1.13 0.37 5.75
CA ILE A 109 -0.86 1.45 4.81
C ILE A 109 -0.07 0.88 3.65
N ARG A 110 -0.71 0.77 2.49
CA ARG A 110 -0.03 0.40 1.26
C ARG A 110 0.76 1.63 0.81
N ILE A 111 2.04 1.41 0.55
CA ILE A 111 2.92 2.51 0.10
C ILE A 111 3.42 2.16 -1.30
N GLY A 112 2.74 2.70 -2.31
CA GLY A 112 2.84 2.17 -3.63
C GLY A 112 3.25 3.24 -4.62
N SER A 113 3.22 2.83 -5.87
CA SER A 113 3.47 3.72 -7.00
C SER A 113 2.32 3.49 -7.99
N CYS A 114 2.05 4.48 -8.83
CA CYS A 114 1.03 4.31 -9.88
C CYS A 114 1.42 5.08 -11.13
N GLY A 115 0.72 4.74 -12.21
CA GLY A 115 0.93 5.44 -13.50
C GLY A 115 -0.24 6.35 -13.73
N ALA A 116 0.03 7.60 -14.12
CA ALA A 116 -1.04 8.56 -14.42
C ALA A 116 -1.55 8.36 -15.85
N ILE A 117 -2.81 8.70 -16.06
CA ILE A 117 -3.47 8.50 -17.34
C ILE A 117 -4.13 9.76 -17.93
N HIS A 118 -3.77 10.93 -17.40
CA HIS A 118 -4.31 12.20 -17.89
C HIS A 118 -3.37 13.32 -17.48
N ASP A 119 -3.18 14.31 -18.36
CA ASP A 119 -2.23 15.41 -18.11
C ASP A 119 -2.50 16.24 -16.84
N ASP A 120 -3.76 16.34 -16.40
CA ASP A 120 -4.12 16.94 -15.07
C ASP A 120 -3.46 16.31 -13.83
N VAL A 121 -3.09 15.05 -13.94
CA VAL A 121 -2.31 14.40 -12.88
C VAL A 121 -0.85 14.47 -13.28
N LYS A 122 0.01 14.88 -12.36
CA LYS A 122 1.42 15.16 -12.65
C LYS A 122 2.36 14.17 -12.00
N LEU A 123 3.48 13.93 -12.65
CA LEU A 123 4.57 13.22 -12.00
C LEU A 123 4.87 13.88 -10.65
N LYS A 124 5.09 13.03 -9.65
CA LYS A 124 5.34 13.44 -8.24
C LYS A 124 4.09 13.74 -7.43
N ASP A 125 2.91 13.73 -8.05
CA ASP A 125 1.70 13.83 -7.27
C ASP A 125 1.61 12.59 -6.40
N LEU A 126 1.03 12.73 -5.23
CA LEU A 126 0.79 11.64 -4.30
C LEU A 126 -0.71 11.42 -4.25
N ILE A 127 -1.13 10.24 -4.69
CA ILE A 127 -2.55 9.93 -4.66
CA ILE A 127 -2.54 9.86 -4.73
C ILE A 127 -2.89 9.20 -3.36
N VAL A 128 -3.88 9.74 -2.68
CA VAL A 128 -4.44 9.13 -1.46
C VAL A 128 -5.74 8.47 -1.96
N ALA A 129 -5.78 7.14 -1.92
CA ALA A 129 -6.87 6.42 -2.62
C ALA A 129 -8.10 6.29 -1.75
N ILE A 130 -9.16 7.02 -2.11
CA ILE A 130 -10.46 6.84 -1.43
C ILE A 130 -11.03 5.47 -1.80
N GLY A 131 -10.85 5.09 -3.05
CA GLY A 131 -11.39 3.87 -3.59
C GLY A 131 -10.55 3.33 -4.70
N ALA A 132 -10.86 2.11 -5.13
CA ALA A 132 -10.13 1.44 -6.17
C ALA A 132 -11.05 0.62 -7.07
N SER A 133 -11.15 1.03 -8.33
CA SER A 133 -11.82 0.23 -9.35
C SER A 133 -10.93 -0.98 -9.63
N THR A 134 -11.47 -1.96 -10.36
CA THR A 134 -10.65 -3.10 -10.77
C THR A 134 -11.16 -3.86 -11.96
N ASP A 135 -10.28 -4.67 -12.52
CA ASP A 135 -10.64 -5.67 -13.53
C ASP A 135 -10.47 -7.11 -13.10
N SER A 136 -10.17 -7.30 -11.82
CA SER A 136 -10.14 -8.63 -11.21
C SER A 136 -11.55 -9.20 -11.10
N LYS A 137 -11.64 -10.52 -11.15
CA LYS A 137 -12.90 -11.24 -10.88
C LYS A 137 -12.99 -11.65 -9.44
N ASN A 139 -13.57 -10.23 -6.46
CA ASN A 139 -14.71 -9.74 -5.69
C ASN A 139 -16.02 -10.26 -6.24
N ARG A 140 -16.14 -10.34 -7.56
CA ARG A 140 -17.35 -10.89 -8.18
C ARG A 140 -17.59 -12.32 -7.72
N ILE A 141 -16.51 -13.08 -7.62
CA ILE A 141 -16.61 -14.45 -7.11
C ILE A 141 -17.13 -14.55 -5.69
N ARG A 142 -16.66 -13.66 -4.83
CA ARG A 142 -17.03 -13.71 -3.41
C ARG A 142 -18.34 -12.98 -3.09
N PHE A 143 -18.79 -12.12 -4.00
CA PHE A 143 -19.85 -11.13 -3.76
C PHE A 143 -21.03 -11.27 -4.74
N LYS A 144 -21.25 -12.51 -5.21
CA LYS A 144 -22.42 -12.88 -6.03
C LYS A 144 -22.56 -12.03 -7.29
N ASP A 145 -21.41 -11.76 -7.87
CA ASP A 145 -21.31 -10.98 -9.11
C ASP A 145 -21.91 -9.57 -8.99
N ASN A 146 -22.00 -9.04 -7.77
CA ASN A 146 -22.31 -7.64 -7.57
C ASN A 146 -21.01 -6.82 -7.77
N ASP A 147 -21.17 -5.51 -7.83
CA ASP A 147 -20.04 -4.56 -7.85
C ASP A 147 -19.66 -4.22 -6.41
N PHE A 148 -18.52 -4.70 -5.97
CA PHE A 148 -18.03 -4.37 -4.63
C PHE A 148 -17.26 -3.05 -4.64
N ALA A 149 -17.70 -2.07 -3.85
CA ALA A 149 -16.97 -0.80 -3.63
C ALA A 149 -15.83 -1.01 -2.63
N ALA A 150 -14.60 -1.00 -3.11
CA ALA A 150 -13.41 -1.17 -2.31
C ALA A 150 -12.89 0.18 -1.89
N THR A 151 -13.07 0.53 -0.63
CA THR A 151 -12.78 1.87 -0.15
C THR A 151 -11.89 1.84 1.10
N ALA A 152 -11.28 2.98 1.40
CA ALA A 152 -10.40 3.18 2.54
C ALA A 152 -11.17 3.34 3.85
N ASN A 153 -10.50 3.08 4.95
CA ASN A 153 -10.96 3.45 6.27
C ASN A 153 -10.94 4.98 6.39
N TYR A 154 -12.06 5.61 6.76
CA TYR A 154 -12.14 7.05 6.83
C TYR A 154 -11.11 7.68 7.76
N ASN A 155 -11.01 7.16 8.97
CA ASN A 155 -10.07 7.75 9.92
C ASN A 155 -8.65 7.76 9.36
N LEU A 157 -7.77 7.64 6.14
CA LEU A 157 -7.78 8.57 5.02
C LEU A 157 -7.62 10.02 5.52
N SER A 158 -8.41 10.40 6.51
CA SER A 158 -8.38 11.73 7.09
CA SER A 158 -8.37 11.74 7.06
C SER A 158 -7.04 12.06 7.74
N GLU A 159 -6.45 11.08 8.41
CA GLU A 159 -5.14 11.30 9.03
C GLU A 159 -4.09 11.57 7.94
N CYS A 160 -4.14 10.79 6.86
CA CYS A 160 -3.26 11.06 5.72
C CYS A 160 -3.40 12.48 5.22
N VAL A 161 -4.64 12.93 5.01
CA VAL A 161 -4.83 14.27 4.47
C VAL A 161 -4.37 15.30 5.50
N ASN A 162 -4.63 15.06 6.78
CA ASN A 162 -4.25 16.05 7.80
C ASN A 162 -2.72 16.19 7.90
N THR A 163 -1.99 15.09 7.72
CA THR A 163 -0.52 15.11 7.68
C THR A 163 -0.10 15.85 6.41
N LEU A 164 -0.68 15.47 5.28
CA LEU A 164 -0.28 16.09 3.99
C LEU A 164 -0.48 17.59 3.92
N LYS A 165 -1.47 18.09 4.65
CA LYS A 165 -1.75 19.52 4.69
C LYS A 165 -0.59 20.30 5.33
N THR A 166 0.19 19.63 6.17
CA THR A 166 1.38 20.22 6.83
C THR A 166 2.66 20.13 5.95
N THR A 167 2.55 19.64 4.71
CA THR A 167 3.70 19.47 3.80
C THR A 167 3.60 20.33 2.53
N ASP A 168 4.64 20.25 1.71
CA ASP A 168 4.64 20.83 0.37
C ASP A 168 4.38 19.77 -0.73
N ILE A 169 3.89 18.60 -0.35
CA ILE A 169 3.59 17.54 -1.33
C ILE A 169 2.32 17.91 -2.09
N ASN A 170 2.35 17.79 -3.42
CA ASN A 170 1.14 17.92 -4.22
CA ASN A 170 1.11 17.93 -4.22
C ASN A 170 0.37 16.61 -4.16
N TYR A 171 -0.77 16.61 -3.52
CA TYR A 171 -1.52 15.38 -3.33
C TYR A 171 -2.90 15.52 -3.88
N LEU A 172 -3.50 14.37 -4.16
CA LEU A 172 -4.84 14.27 -4.71
C LEU A 172 -5.53 13.16 -3.94
N VAL A 173 -6.80 13.34 -3.64
CA VAL A 173 -7.58 12.34 -2.93
C VAL A 173 -8.66 11.89 -3.92
N GLY A 174 -8.54 10.67 -4.42
CA GLY A 174 -9.52 10.14 -5.31
C GLY A 174 -9.29 8.67 -5.59
N ASN A 175 -9.75 8.21 -6.75
CA ASN A 175 -9.76 6.81 -7.07
C ASN A 175 -8.62 6.37 -7.95
N VAL A 176 -8.15 5.15 -7.69
CA VAL A 176 -7.21 4.44 -8.53
C VAL A 176 -7.92 3.30 -9.24
N PHE A 177 -7.26 2.70 -10.25
CA PHE A 177 -7.74 1.50 -10.91
C PHE A 177 -6.70 0.41 -10.68
N SER A 178 -7.10 -0.70 -10.05
CA SER A 178 -6.20 -1.81 -9.77
C SER A 178 -6.39 -2.89 -10.81
N SER A 179 -5.39 -3.04 -11.69
CA SER A 179 -5.49 -3.98 -12.79
C SER A 179 -4.65 -5.22 -12.57
N ASP A 180 -5.14 -6.33 -13.10
CA ASP A 180 -4.41 -7.58 -13.20
C ASP A 180 -3.36 -7.52 -14.31
N LEU A 181 -3.52 -6.55 -15.21
CA LEU A 181 -2.72 -6.45 -16.44
C LEU A 181 -1.75 -5.29 -16.33
N PHE A 182 -0.47 -5.60 -16.29
CA PHE A 182 0.54 -4.57 -16.46
C PHE A 182 0.70 -4.16 -17.93
N TYR A 183 0.70 -5.15 -18.82
CA TYR A 183 0.88 -4.91 -20.24
C TYR A 183 -0.47 -4.99 -20.95
N ARG A 184 -0.77 -3.97 -21.77
CA ARG A 184 -2.01 -3.88 -22.57
CA ARG A 184 -1.97 -4.02 -22.61
C ARG A 184 -1.70 -3.47 -24.02
N PRO A 185 -2.51 -3.92 -24.99
CA PRO A 185 -2.28 -3.58 -26.42
C PRO A 185 -2.22 -2.09 -26.79
N ASP A 186 -3.00 -1.26 -26.09
CA ASP A 186 -3.08 0.18 -26.38
C ASP A 186 -3.67 0.95 -25.20
N GLU A 187 -3.74 2.27 -25.36
CA GLU A 187 -4.18 3.18 -24.29
C GLU A 187 -5.67 3.52 -24.33
N GLU A 188 -6.49 2.77 -25.06
CA GLU A 188 -7.92 3.08 -25.17
CA GLU A 188 -7.89 3.11 -25.16
C GLU A 188 -8.64 2.93 -23.83
N GLN A 189 -8.38 1.84 -23.12
CA GLN A 189 -9.06 1.69 -21.84
C GLN A 189 -8.57 2.73 -20.82
N TYR A 190 -7.32 3.16 -20.95
CA TYR A 190 -6.79 4.20 -20.07
C TYR A 190 -7.56 5.53 -20.26
N ASP A 191 -7.91 5.86 -21.50
CA ASP A 191 -8.69 7.06 -21.73
C ASP A 191 -10.09 6.97 -21.13
N ALA A 194 -9.83 7.59 -17.38
CA ALA A 194 -9.66 9.02 -17.08
C ALA A 194 -10.96 9.79 -17.23
N ARG A 195 -11.75 9.40 -18.23
CA ARG A 195 -13.06 10.00 -18.46
C ARG A 195 -13.93 9.90 -17.20
N TYR A 196 -13.76 8.83 -16.43
CA TYR A 196 -14.61 8.59 -15.26
C TYR A 196 -13.87 8.81 -13.93
N GLY A 197 -12.80 9.58 -13.99
CA GLY A 197 -12.18 10.12 -12.79
C GLY A 197 -11.02 9.36 -12.18
N ILE A 198 -10.61 8.26 -12.80
CA ILE A 198 -9.47 7.51 -12.29
C ILE A 198 -8.21 8.36 -12.39
N LEU A 199 -7.46 8.43 -11.30
CA LEU A 199 -6.27 9.26 -11.16
C LEU A 199 -4.97 8.53 -11.50
N GLY A 200 -4.96 7.22 -11.34
CA GLY A 200 -3.76 6.46 -11.63
C GLY A 200 -4.04 4.99 -11.66
N VAL A 201 -3.13 4.21 -12.22
CA VAL A 201 -3.31 2.77 -12.40
C VAL A 201 -2.19 2.03 -11.66
N GLU A 202 -2.59 1.01 -10.90
CA GLU A 202 -1.64 0.18 -10.17
C GLU A 202 -2.30 -1.21 -10.04
N GLU A 204 -2.68 -3.34 -6.60
CA GLU A 204 -3.03 -4.00 -5.31
C GLU A 204 -3.95 -3.25 -4.35
N VAL A 205 -4.36 -2.04 -4.65
CA VAL A 205 -5.19 -1.29 -3.72
C VAL A 205 -6.57 -1.90 -3.56
N ASN A 206 -7.19 -2.32 -4.63
CA ASN A 206 -8.50 -2.91 -4.51
C ASN A 206 -8.41 -4.14 -3.61
N ALA A 207 -7.38 -4.97 -3.81
CA ALA A 207 -7.25 -6.16 -2.97
C ALA A 207 -7.09 -5.80 -1.53
N LEU A 208 -6.30 -4.79 -1.21
CA LEU A 208 -6.11 -4.38 0.20
C LEU A 208 -7.41 -3.93 0.81
N TYR A 209 -8.15 -3.10 0.15
CA TYR A 209 -9.36 -2.55 0.70
C TYR A 209 -10.41 -3.65 0.82
N SER A 210 -10.43 -4.57 -0.13
CA SER A 210 -11.40 -5.68 -0.04
C SER A 210 -11.09 -6.63 1.08
N ALA A 211 -9.81 -6.99 1.25
CA ALA A 211 -9.42 -7.87 2.37
C ALA A 211 -9.71 -7.20 3.69
N ALA A 212 -9.44 -5.91 3.80
CA ALA A 212 -9.68 -5.17 5.03
C ALA A 212 -11.18 -5.16 5.37
N ALA A 213 -12.04 -5.09 4.35
CA ALA A 213 -13.49 -5.11 4.56
C ALA A 213 -13.92 -6.46 5.13
N GLU A 214 -13.40 -7.54 4.54
CA GLU A 214 -13.70 -8.92 4.97
C GLU A 214 -13.28 -9.14 6.41
N ASN A 215 -12.12 -8.59 6.78
CA ASN A 215 -11.50 -8.93 8.05
C ASN A 215 -11.63 -7.88 9.15
N HIS A 216 -12.50 -6.89 8.94
CA HIS A 216 -12.72 -5.80 9.90
C HIS A 216 -11.39 -5.12 10.26
N CYS A 217 -10.55 -4.91 9.25
CA CYS A 217 -9.27 -4.22 9.45
C CYS A 217 -9.34 -2.87 8.81
N ASN A 218 -8.36 -2.02 9.12
CA ASN A 218 -8.37 -0.66 8.67
C ASN A 218 -7.26 -0.43 7.67
N ALA A 219 -7.58 0.11 6.50
CA ALA A 219 -6.61 0.27 5.44
C ALA A 219 -6.71 1.59 4.71
N VAL A 220 -5.55 2.04 4.25
CA VAL A 220 -5.45 3.14 3.32
C VAL A 220 -4.26 2.89 2.43
N ALA A 221 -4.23 3.55 1.26
CA ALA A 221 -3.15 3.43 0.30
C ALA A 221 -2.72 4.79 -0.21
N LEU A 222 -1.39 4.97 -0.22
CA LEU A 222 -0.74 6.12 -0.87
C LEU A 222 0.01 5.63 -2.07
N CYS A 223 -0.15 6.31 -3.21
CA CYS A 223 0.52 5.90 -4.44
C CYS A 223 1.18 7.11 -5.06
N THR A 224 2.51 7.10 -5.12
CA THR A 224 3.24 8.14 -5.85
C THR A 224 3.06 7.99 -7.32
N VAL A 225 2.80 9.10 -8.03
CA VAL A 225 2.78 9.09 -9.49
C VAL A 225 4.23 9.11 -9.97
N THR A 226 4.74 7.93 -10.29
CA THR A 226 6.14 7.76 -10.67
C THR A 226 6.27 7.72 -12.19
N ASP A 227 5.17 7.46 -12.89
CA ASP A 227 5.15 7.32 -14.33
C ASP A 227 3.87 7.93 -14.90
N HIS A 228 3.99 8.57 -16.05
CA HIS A 228 2.83 9.12 -16.73
C HIS A 228 2.63 8.32 -18.00
N ILE A 229 1.64 7.44 -17.98
CA ILE A 229 1.40 6.53 -19.12
C ILE A 229 0.98 7.33 -20.35
N LYS A 230 0.07 8.29 -20.18
CA LYS A 230 -0.43 9.08 -21.29
C LYS A 230 0.63 10.01 -21.88
N ASN A 231 1.41 10.66 -21.02
CA ASN A 231 2.41 11.64 -21.46
C ASN A 231 3.73 10.99 -21.84
N HIS A 232 3.92 9.72 -21.51
CA HIS A 232 5.15 8.96 -21.77
C HIS A 232 6.35 9.56 -21.06
N GLU A 233 6.17 9.87 -19.78
CA GLU A 233 7.26 10.45 -18.98
C GLU A 233 7.40 9.64 -17.71
N HIS A 234 8.59 9.70 -17.14
CA HIS A 234 8.97 8.82 -16.05
C HIS A 234 9.90 9.56 -15.12
N LEU A 235 9.70 9.36 -13.84
CA LEU A 235 10.68 9.84 -12.87
C LEU A 235 12.00 9.13 -13.06
N THR A 236 13.08 9.86 -12.83
CA THR A 236 14.40 9.26 -12.78
C THR A 236 14.48 8.39 -11.54
N ALA A 237 15.51 7.55 -11.49
CA ALA A 237 15.74 6.73 -10.30
C ALA A 237 15.93 7.61 -9.04
N ASP A 238 16.66 8.70 -9.18
CA ASP A 238 16.91 9.56 -8.03
C ASP A 238 15.61 10.23 -7.56
N GLU A 239 14.77 10.64 -8.53
CA GLU A 239 13.48 11.27 -8.24
C GLU A 239 12.55 10.28 -7.51
N ARG A 240 12.60 9.01 -7.90
CA ARG A 240 11.83 7.99 -7.21
C ARG A 240 12.24 7.87 -5.75
N ARG A 241 13.55 7.99 -5.48
CA ARG A 241 14.08 7.95 -4.13
C ARG A 241 13.52 9.10 -3.29
N THR A 242 13.60 10.30 -3.84
CA THR A 242 13.05 11.52 -3.23
C THR A 242 11.56 11.37 -2.88
N GLU A 243 10.77 10.89 -3.84
CA GLU A 243 9.33 10.82 -3.60
C GLU A 243 9.01 9.68 -2.64
N LEU A 244 9.81 8.62 -2.65
CA LEU A 244 9.63 7.56 -1.64
C LEU A 244 9.76 8.14 -0.23
N HIS A 245 10.78 8.96 -0.04
CA HIS A 245 11.03 9.59 1.23
C HIS A 245 9.87 10.43 1.69
N GLU A 246 9.32 11.22 0.81
CA GLU A 246 8.13 12.03 1.12
C GLU A 246 6.98 11.13 1.58
N ILE A 248 7.09 8.03 2.80
CA ILE A 248 7.33 7.32 4.06
C ILE A 248 7.19 8.30 5.24
N ASN A 249 7.65 9.52 5.09
CA ASN A 249 7.53 10.51 6.18
C ASN A 249 6.04 10.72 6.52
N VAL A 250 5.20 10.72 5.50
CA VAL A 250 3.76 10.88 5.69
C VAL A 250 3.17 9.63 6.37
N ALA A 251 3.49 8.45 5.81
CA ALA A 251 2.95 7.21 6.35
C ALA A 251 3.28 6.97 7.80
N LEU A 252 4.54 7.21 8.19
CA LEU A 252 4.94 7.02 9.58
C LEU A 252 4.24 8.02 10.51
N ASP A 253 4.05 9.24 10.03
CA ASP A 253 3.33 10.28 10.79
C ASP A 253 1.90 9.82 11.04
N VAL A 254 1.26 9.28 10.01
CA VAL A 254 -0.11 8.73 10.16
C VAL A 254 -0.09 7.58 11.16
N ALA A 255 0.86 6.65 11.03
CA ALA A 255 0.90 5.49 11.95
C ALA A 255 0.96 5.92 13.42
N LEU A 256 1.74 6.96 13.70
CA LEU A 256 1.88 7.47 15.06
C LEU A 256 0.60 8.06 15.62
N LYS A 257 -0.31 8.49 14.75
CA LYS A 257 -1.56 9.11 15.22
C LYS A 257 -2.68 8.10 15.42
N LEU A 258 -2.47 6.84 15.05
CA LEU A 258 -3.53 5.83 15.18
C LEU A 258 -3.63 5.35 16.62
N PRO A 259 -4.85 5.09 17.09
CA PRO A 259 -5.02 4.57 18.45
C PRO A 259 -4.24 3.28 18.70
N THR A 260 -3.96 3.01 19.98
CA THR A 260 -3.29 1.78 20.38
C THR A 260 -4.22 0.96 21.29
#